data_4ZS2
#
_entry.id   4ZS2
#
_cell.length_a   142.660
_cell.length_b   142.660
_cell.length_c   83.218
_cell.angle_alpha   90.00
_cell.angle_beta   90.00
_cell.angle_gamma   120.00
#
_symmetry.space_group_name_H-M   'H 3'
#
loop_
_entity.id
_entity.type
_entity.pdbx_description
1 polymer 'Alpha-ketoglutarate-dependent dioxygenase FTO'
2 non-polymer '2-OXOGLUTARIC ACID'
3 non-polymer '2-(6-HYDROXY-3-OXO-3H-XANTHEN-9-YL)-BENZOIC ACID'
4 non-polymer 'MANGANESE (II) ION'
5 water water
#
_entity_poly.entity_id   1
_entity_poly.type   'polypeptide(L)'
_entity_poly.pdbx_seq_one_letter_code
;GSHMTPKDDEFYQQWQLKYPKLILREASSVSEELHKEVQEAFLTLHKHGCLFRDLVRIQGKDLLTPVSRILIGNPGCTYK
YLNTRLFTVPWPVKGSNIKHTEAEIAAACETFLKLNDYLQIETIQALEELAAKEKANEDAVPLCMSADFPRVGMGSSYNG
QDEVDIKSRAAYNVTLLNFMDPQKMPYLKEEPYFGMGKMAVSWHHDENLVDRSAVAVYSYSCEGPEEESEDDSHLEGRDP
DIWHVGFKISWDIETPGLAIPLHQGDCYFMLDDLNATHQHCVLAGSQPRFSSTHRVAECSTGTLDYILQRCQLALQNVCD
DVDNDDVSLKSFEPAVLKQGEEIHNEVEFEWLRQFWFQGNRYRKCTDWWCQPMAQLEALWKKMEGVTNAVLHEVKREGLP
VEQRNEILTAILASLTARQNLRREWHARCQSRIARTLPADQKPECRPYWEKDDASMPLPFDLTDIVSELRGQLLEAKP
;
_entity_poly.pdbx_strand_id   A
#
loop_
_chem_comp.id
_chem_comp.type
_chem_comp.name
_chem_comp.formula
AKG non-polymer '2-OXOGLUTARIC ACID' 'C5 H6 O5'
FLU non-polymer '2-(6-HYDROXY-3-OXO-3H-XANTHEN-9-YL)-BENZOIC ACID' 'C20 H12 O5'
MN non-polymer 'MANGANESE (II) ION' 'Mn 2'
#
# COMPACT_ATOMS: atom_id res chain seq x y z
N GLY A 1 -25.50 17.59 -11.98
CA GLY A 1 -24.16 17.56 -12.66
C GLY A 1 -24.21 16.83 -13.99
N SER A 2 -23.27 17.16 -14.87
CA SER A 2 -23.14 16.54 -16.19
C SER A 2 -21.66 16.23 -16.49
N HIS A 3 -21.40 15.49 -17.56
CA HIS A 3 -20.02 15.24 -17.96
C HIS A 3 -19.82 15.35 -19.46
N MET A 4 -18.57 15.39 -19.87
CA MET A 4 -18.20 15.51 -21.27
C MET A 4 -17.39 14.30 -21.70
N THR A 5 -17.67 13.83 -22.92
CA THR A 5 -16.89 12.79 -23.58
C THR A 5 -16.50 13.32 -24.96
N PRO A 6 -15.74 12.54 -25.75
CA PRO A 6 -15.40 12.97 -27.12
C PRO A 6 -16.58 13.31 -28.04
N LYS A 7 -17.77 12.82 -27.71
CA LYS A 7 -19.00 13.17 -28.44
C LYS A 7 -19.40 14.64 -28.30
N ASP A 8 -18.94 15.30 -27.24
CA ASP A 8 -19.29 16.70 -26.96
C ASP A 8 -18.24 17.64 -27.56
N ASP A 9 -18.72 18.65 -28.26
CA ASP A 9 -17.84 19.65 -28.89
C ASP A 9 -16.97 20.35 -27.85
N GLU A 10 -17.53 20.59 -26.67
CA GLU A 10 -16.84 21.27 -25.57
C GLU A 10 -15.74 20.46 -24.88
N PHE A 11 -15.73 19.14 -25.09
CA PHE A 11 -14.76 18.21 -24.51
C PHE A 11 -13.34 18.66 -24.79
N TYR A 12 -13.09 18.93 -26.07
CA TYR A 12 -11.75 19.18 -26.57
C TYR A 12 -11.15 20.43 -25.96
N GLN A 13 -11.93 21.52 -25.90
CA GLN A 13 -11.40 22.76 -25.33
C GLN A 13 -11.31 22.72 -23.82
N GLN A 14 -12.21 21.98 -23.18
CA GLN A 14 -12.14 21.87 -21.73
C GLN A 14 -10.90 21.08 -21.32
N TRP A 15 -10.63 19.98 -22.03
CA TRP A 15 -9.40 19.22 -21.80
C TRP A 15 -8.19 20.14 -21.99
N GLN A 16 -8.12 20.79 -23.14
CA GLN A 16 -6.98 21.62 -23.53
C GLN A 16 -6.69 22.72 -22.52
N LEU A 17 -7.72 23.25 -21.88
CA LEU A 17 -7.58 24.41 -21.00
C LEU A 17 -7.53 24.08 -19.52
N LYS A 18 -8.36 23.14 -19.09
CA LYS A 18 -8.50 22.82 -17.67
C LYS A 18 -7.84 21.47 -17.28
N TYR A 19 -7.23 20.79 -18.25
CA TYR A 19 -6.51 19.52 -18.00
C TYR A 19 -5.25 19.38 -18.83
N PRO A 20 -4.45 20.45 -18.93
CA PRO A 20 -3.19 20.26 -19.69
C PRO A 20 -2.22 19.23 -19.05
N LYS A 21 -2.37 18.95 -17.75
CA LYS A 21 -1.52 17.94 -17.08
C LYS A 21 -2.05 16.50 -17.20
N LEU A 22 -3.14 16.32 -17.93
CA LEU A 22 -3.65 14.98 -18.27
C LEU A 22 -3.28 14.65 -19.69
N ILE A 23 -2.59 13.53 -19.88
CA ILE A 23 -2.12 13.14 -21.20
C ILE A 23 -2.63 11.77 -21.60
N LEU A 24 -3.00 11.63 -22.86
CA LEU A 24 -3.45 10.37 -23.42
C LEU A 24 -2.58 10.04 -24.61
N ARG A 25 -1.95 8.87 -24.58
CA ARG A 25 -1.20 8.32 -25.70
C ARG A 25 -1.94 7.06 -26.11
N GLU A 26 -2.58 7.09 -27.28
CA GLU A 26 -3.45 5.98 -27.71
C GLU A 26 -2.63 4.78 -28.12
N ALA A 27 -3.28 3.63 -28.25
CA ALA A 27 -2.56 2.38 -28.54
C ALA A 27 -1.58 2.50 -29.73
N SER A 28 -1.96 3.32 -30.72
CA SER A 28 -1.14 3.64 -31.91
C SER A 28 0.31 3.90 -31.58
N SER A 29 0.55 4.76 -30.60
CA SER A 29 1.89 5.24 -30.28
C SER A 29 2.79 4.19 -29.63
N VAL A 30 2.24 3.03 -29.29
CA VAL A 30 3.00 1.98 -28.63
C VAL A 30 3.15 0.80 -29.56
N SER A 31 4.38 0.31 -29.67
CA SER A 31 4.71 -0.77 -30.58
C SER A 31 3.84 -2.01 -30.38
N GLU A 32 3.46 -2.64 -31.48
CA GLU A 32 2.71 -3.90 -31.47
C GLU A 32 3.42 -5.01 -30.68
N GLU A 33 4.75 -4.94 -30.63
CA GLU A 33 5.53 -5.94 -29.89
C GLU A 33 5.32 -5.80 -28.40
N LEU A 34 5.42 -4.57 -27.90
CA LEU A 34 5.20 -4.30 -26.49
C LEU A 34 3.78 -4.69 -26.09
N HIS A 35 2.77 -4.26 -26.84
CA HIS A 35 1.39 -4.67 -26.61
C HIS A 35 1.27 -6.19 -26.44
N LYS A 36 1.86 -6.93 -27.36
CA LYS A 36 1.78 -8.39 -27.35
C LYS A 36 2.36 -8.90 -26.03
N GLU A 37 3.54 -8.41 -25.72
CA GLU A 37 4.30 -8.86 -24.55
C GLU A 37 3.57 -8.59 -23.22
N VAL A 38 3.10 -7.35 -23.01
CA VAL A 38 2.47 -7.02 -21.73
C VAL A 38 1.12 -7.71 -21.65
N GLN A 39 0.38 -7.76 -22.76
CA GLN A 39 -0.92 -8.42 -22.74
C GLN A 39 -0.78 -9.90 -22.39
N GLU A 40 0.22 -10.57 -22.97
CA GLU A 40 0.52 -11.95 -22.62
C GLU A 40 0.94 -12.08 -21.15
N ALA A 41 1.74 -11.13 -20.68
CA ALA A 41 2.19 -11.11 -19.28
C ALA A 41 1.00 -10.99 -18.31
N PHE A 42 0.09 -10.08 -18.60
CA PHE A 42 -1.17 -9.99 -17.84
C PHE A 42 -1.83 -11.35 -17.74
N LEU A 43 -1.92 -12.05 -18.87
CA LEU A 43 -2.65 -13.32 -18.93
C LEU A 43 -1.98 -14.47 -18.17
N THR A 44 -0.65 -14.55 -18.18
CA THR A 44 0.02 -15.61 -17.44
C THR A 44 -0.14 -15.35 -15.94
N LEU A 45 0.15 -14.11 -15.52
CA LEU A 45 -0.09 -13.69 -14.13
C LEU A 45 -1.48 -14.07 -13.67
N HIS A 46 -2.47 -13.79 -14.51
CA HIS A 46 -3.84 -14.10 -14.18
C HIS A 46 -4.09 -15.60 -14.10
N LYS A 47 -3.47 -16.37 -14.98
CA LYS A 47 -3.65 -17.83 -15.00
C LYS A 47 -2.95 -18.50 -13.80
N HIS A 48 -1.74 -18.06 -13.49
CA HIS A 48 -1.02 -18.55 -12.31
C HIS A 48 -1.66 -18.08 -10.98
N GLY A 49 -2.79 -17.38 -11.05
CA GLY A 49 -3.53 -16.95 -9.87
C GLY A 49 -2.77 -15.97 -8.99
N CYS A 50 -2.05 -15.05 -9.62
CA CYS A 50 -1.22 -14.08 -8.87
C CYS A 50 -1.97 -12.84 -8.36
N LEU A 51 -3.16 -12.58 -8.90
CA LEU A 51 -3.92 -11.39 -8.53
C LEU A 51 -4.98 -11.73 -7.51
N PHE A 52 -5.09 -10.91 -6.47
CA PHE A 52 -6.05 -11.11 -5.39
C PHE A 52 -6.78 -9.83 -5.06
N ARG A 53 -7.98 -9.98 -4.56
CA ARG A 53 -8.75 -8.89 -3.99
C ARG A 53 -8.23 -8.68 -2.58
N ASP A 54 -8.05 -7.41 -2.21
CA ASP A 54 -7.49 -7.07 -0.92
C ASP A 54 -8.61 -6.73 0.02
N LEU A 55 -8.44 -7.14 1.28
CA LEU A 55 -9.38 -6.81 2.32
C LEU A 55 -8.91 -5.51 2.97
N VAL A 56 -9.41 -4.38 2.48
CA VAL A 56 -8.94 -3.07 2.92
C VAL A 56 -9.88 -2.50 3.99
N ARG A 57 -9.47 -1.40 4.60
CA ARG A 57 -10.22 -0.79 5.69
C ARG A 57 -10.37 0.67 5.32
N ILE A 58 -11.60 1.13 5.21
CA ILE A 58 -11.91 2.53 4.88
C ILE A 58 -13.07 3.04 5.72
N GLN A 59 -12.84 4.21 6.31
CA GLN A 59 -13.72 4.82 7.29
C GLN A 59 -14.45 3.86 8.22
N GLY A 60 -13.67 2.97 8.86
CA GLY A 60 -14.20 2.05 9.87
C GLY A 60 -14.71 0.71 9.36
N LYS A 61 -14.97 0.59 8.07
CA LYS A 61 -15.58 -0.64 7.53
C LYS A 61 -14.57 -1.45 6.74
N ASP A 62 -14.68 -2.77 6.85
CA ASP A 62 -13.81 -3.69 6.15
C ASP A 62 -14.45 -4.16 4.84
N LEU A 63 -13.74 -3.94 3.75
CA LEU A 63 -14.28 -4.11 2.41
C LEU A 63 -13.33 -4.88 1.54
N LEU A 64 -13.89 -5.76 0.71
CA LEU A 64 -13.14 -6.40 -0.36
C LEU A 64 -13.04 -5.45 -1.54
N THR A 65 -11.86 -5.34 -2.16
CA THR A 65 -11.75 -4.48 -3.33
C THR A 65 -12.47 -5.11 -4.53
N PRO A 66 -13.13 -4.29 -5.37
CA PRO A 66 -13.79 -4.79 -6.56
C PRO A 66 -12.78 -5.36 -7.56
N VAL A 67 -11.58 -4.80 -7.56
CA VAL A 67 -10.52 -5.25 -8.46
C VAL A 67 -9.61 -6.21 -7.71
N SER A 68 -9.10 -7.20 -8.43
CA SER A 68 -8.03 -8.02 -7.91
C SER A 68 -6.73 -7.41 -8.41
N ARG A 69 -5.66 -7.59 -7.64
CA ARG A 69 -4.44 -6.85 -7.87
C ARG A 69 -3.19 -7.57 -7.45
N ILE A 70 -2.07 -7.09 -7.98
CA ILE A 70 -0.76 -7.45 -7.50
C ILE A 70 0.19 -6.28 -7.65
N LEU A 71 1.10 -6.15 -6.69
CA LEU A 71 2.12 -5.13 -6.71
C LEU A 71 3.43 -5.73 -7.19
N ILE A 72 3.99 -5.13 -8.24
CA ILE A 72 5.26 -5.56 -8.82
C ILE A 72 6.17 -4.35 -8.79
N GLY A 73 7.45 -4.55 -8.45
CA GLY A 73 8.39 -3.43 -8.45
C GLY A 73 9.76 -3.70 -7.86
N ASN A 74 10.45 -2.62 -7.50
CA ASN A 74 11.76 -2.72 -6.89
C ASN A 74 11.80 -3.69 -5.70
N PRO A 75 12.79 -4.62 -5.68
CA PRO A 75 13.00 -5.52 -4.56
C PRO A 75 12.97 -4.80 -3.23
N GLY A 76 12.21 -5.33 -2.28
CA GLY A 76 12.12 -4.74 -0.95
C GLY A 76 11.24 -3.52 -0.78
N CYS A 77 10.61 -3.06 -1.86
CA CYS A 77 9.74 -1.88 -1.80
C CYS A 77 8.30 -2.30 -1.44
N THR A 78 7.61 -1.42 -0.74
CA THR A 78 6.19 -1.60 -0.41
C THR A 78 5.39 -0.33 -0.75
N TYR A 79 4.07 -0.48 -0.84
CA TYR A 79 3.15 0.60 -1.20
C TYR A 79 1.89 0.48 -0.34
N LYS A 80 1.62 1.52 0.44
CA LYS A 80 0.52 1.51 1.38
C LYS A 80 -0.62 2.38 0.89
N TYR A 81 -1.78 1.76 0.72
CA TYR A 81 -3.01 2.47 0.37
C TYR A 81 -4.18 1.79 1.09
N LEU A 82 -5.17 2.59 1.47
CA LEU A 82 -6.38 2.10 2.16
C LEU A 82 -6.06 1.19 3.34
N ASN A 83 -5.06 1.61 4.12
CA ASN A 83 -4.64 0.97 5.35
C ASN A 83 -4.07 -0.41 5.17
N THR A 84 -3.60 -0.71 3.96
CA THR A 84 -3.08 -2.00 3.63
C THR A 84 -1.73 -1.79 2.96
N ARG A 85 -0.69 -2.44 3.46
CA ARG A 85 0.63 -2.34 2.87
C ARG A 85 0.85 -3.50 1.92
N LEU A 86 1.04 -3.18 0.64
CA LEU A 86 1.29 -4.17 -0.38
C LEU A 86 2.80 -4.37 -0.57
N PHE A 87 3.20 -5.63 -0.75
CA PHE A 87 4.59 -6.01 -0.84
C PHE A 87 4.92 -6.41 -2.28
N THR A 88 6.01 -5.88 -2.83
CA THR A 88 6.32 -6.13 -4.24
C THR A 88 6.74 -7.56 -4.50
N VAL A 89 6.20 -8.17 -5.56
CA VAL A 89 6.92 -9.28 -6.19
C VAL A 89 7.99 -8.57 -7.02
N PRO A 90 9.26 -8.96 -6.85
CA PRO A 90 10.35 -8.14 -7.39
C PRO A 90 10.47 -8.19 -8.92
N TRP A 91 10.89 -7.07 -9.51
CA TRP A 91 11.23 -7.08 -10.93
C TRP A 91 12.76 -6.97 -11.08
N PRO A 92 13.34 -7.57 -12.13
CA PRO A 92 14.79 -7.68 -12.31
C PRO A 92 15.57 -6.37 -12.51
N VAL A 93 15.55 -5.48 -11.52
CA VAL A 93 16.49 -4.36 -11.48
C VAL A 93 17.82 -4.96 -11.01
N LYS A 94 18.91 -4.18 -11.07
CA LYS A 94 20.20 -4.68 -10.59
C LYS A 94 20.26 -4.89 -9.08
N THR A 101 11.99 -18.39 -8.22
CA THR A 101 10.68 -18.15 -8.82
C THR A 101 10.51 -18.98 -10.10
N GLU A 102 9.26 -19.16 -10.52
CA GLU A 102 8.94 -19.87 -11.77
C GLU A 102 9.21 -18.92 -12.93
N ALA A 103 9.90 -19.42 -13.95
CA ALA A 103 10.37 -18.60 -15.06
C ALA A 103 9.23 -17.79 -15.71
N GLU A 104 8.04 -18.35 -15.75
CA GLU A 104 6.88 -17.65 -16.33
C GLU A 104 6.57 -16.34 -15.59
N ILE A 105 6.32 -16.44 -14.29
CA ILE A 105 6.05 -15.26 -13.47
C ILE A 105 7.25 -14.32 -13.50
N ALA A 106 8.45 -14.89 -13.44
CA ALA A 106 9.69 -14.12 -13.55
C ALA A 106 9.73 -13.34 -14.87
N ALA A 107 9.30 -13.99 -15.94
CA ALA A 107 9.23 -13.37 -17.27
C ALA A 107 8.22 -12.23 -17.28
N ALA A 108 7.06 -12.46 -16.68
CA ALA A 108 6.01 -11.43 -16.60
C ALA A 108 6.52 -10.18 -15.88
N CYS A 109 7.12 -10.37 -14.72
CA CYS A 109 7.68 -9.25 -13.97
C CYS A 109 8.73 -8.53 -14.79
N GLU A 110 9.51 -9.28 -15.55
CA GLU A 110 10.50 -8.69 -16.44
C GLU A 110 9.81 -7.80 -17.47
N THR A 111 8.76 -8.33 -18.08
CA THR A 111 7.96 -7.56 -19.04
C THR A 111 7.48 -6.23 -18.45
N PHE A 112 6.92 -6.27 -17.24
CA PHE A 112 6.40 -5.06 -16.61
C PHE A 112 7.51 -4.11 -16.21
N LEU A 113 8.74 -4.59 -16.13
CA LEU A 113 9.87 -3.68 -15.95
C LEU A 113 10.19 -2.90 -17.22
N LYS A 114 10.04 -3.51 -18.39
CA LYS A 114 10.39 -2.79 -19.60
C LYS A 114 9.27 -1.85 -20.05
N LEU A 115 8.02 -2.25 -19.77
CA LEU A 115 6.87 -1.33 -19.87
C LEU A 115 7.16 -0.13 -18.98
N ASN A 116 7.60 -0.40 -17.75
CA ASN A 116 8.00 0.66 -16.84
C ASN A 116 9.02 1.61 -17.46
N ASP A 117 10.08 1.05 -18.06
CA ASP A 117 11.12 1.85 -18.74
C ASP A 117 10.51 2.73 -19.82
N TYR A 118 9.68 2.13 -20.66
CA TYR A 118 9.01 2.83 -21.75
C TYR A 118 8.16 3.99 -21.23
N LEU A 119 7.30 3.71 -20.25
CA LEU A 119 6.39 4.72 -19.72
C LEU A 119 7.14 5.82 -19.01
N GLN A 120 8.28 5.46 -18.44
CA GLN A 120 9.15 6.42 -17.78
C GLN A 120 9.67 7.44 -18.79
N ILE A 121 10.13 6.92 -19.92
CA ILE A 121 10.62 7.74 -21.03
C ILE A 121 9.52 8.66 -21.55
N GLU A 122 8.38 8.06 -21.89
CA GLU A 122 7.20 8.82 -22.32
C GLU A 122 6.90 9.94 -21.33
N THR A 123 6.97 9.65 -20.04
CA THR A 123 6.60 10.62 -19.00
C THR A 123 7.56 11.81 -18.96
N ILE A 124 8.86 11.51 -18.98
CA ILE A 124 9.88 12.56 -18.99
C ILE A 124 9.68 13.48 -20.18
N GLN A 125 9.44 12.88 -21.34
CA GLN A 125 9.19 13.65 -22.56
C GLN A 125 8.03 14.61 -22.30
N ALA A 126 6.89 14.04 -21.92
CA ALA A 126 5.68 14.82 -21.65
C ALA A 126 5.91 15.92 -20.64
N LEU A 127 6.70 15.62 -19.61
CA LEU A 127 7.02 16.60 -18.57
C LEU A 127 7.92 17.71 -19.10
N GLU A 128 8.82 17.34 -20.01
CA GLU A 128 9.70 18.32 -20.65
C GLU A 128 8.89 19.28 -21.52
N GLU A 129 8.00 18.73 -22.34
CA GLU A 129 7.15 19.53 -23.22
C GLU A 129 6.22 20.43 -22.44
N LEU A 130 5.73 19.94 -21.31
CA LEU A 130 4.86 20.73 -20.44
C LEU A 130 5.58 21.95 -19.87
N ALA A 131 6.84 21.79 -19.48
CA ALA A 131 7.64 22.88 -18.96
C ALA A 131 7.91 23.94 -20.04
N ALA A 132 8.20 23.49 -21.26
CA ALA A 132 8.45 24.40 -22.38
C ALA A 132 7.20 25.23 -22.69
N LYS A 133 6.04 24.57 -22.75
CA LYS A 133 4.77 25.25 -22.90
C LYS A 133 4.58 26.32 -21.82
N GLU A 134 4.96 26.00 -20.59
CA GLU A 134 4.76 26.91 -19.46
C GLU A 134 5.82 28.01 -19.37
N LYS A 135 5.94 28.80 -20.44
CA LYS A 135 6.68 30.08 -20.42
C LYS A 135 6.59 30.79 -21.77
N ASP A 162 14.73 20.56 -11.10
CA ASP A 162 14.18 21.09 -12.33
C ASP A 162 14.28 20.05 -13.44
N GLU A 163 15.51 19.79 -13.89
CA GLU A 163 15.85 18.67 -14.77
C GLU A 163 15.98 17.39 -13.92
N VAL A 164 16.45 17.58 -12.68
CA VAL A 164 16.52 16.52 -11.68
C VAL A 164 15.13 16.20 -11.15
N ASP A 165 14.32 17.24 -10.93
CA ASP A 165 12.94 17.09 -10.48
C ASP A 165 12.11 16.25 -11.47
N ILE A 166 12.28 16.54 -12.75
CA ILE A 166 11.53 15.82 -13.78
C ILE A 166 11.81 14.33 -13.72
N LYS A 167 13.10 13.95 -13.72
CA LYS A 167 13.47 12.54 -13.77
C LYS A 167 13.08 11.77 -12.49
N SER A 168 13.12 12.46 -11.35
CA SER A 168 12.74 11.85 -10.08
C SER A 168 11.22 11.69 -9.96
N ARG A 169 10.48 12.61 -10.56
CA ARG A 169 9.01 12.53 -10.62
C ARG A 169 8.52 11.52 -11.64
N ALA A 170 9.41 11.01 -12.48
CA ALA A 170 9.08 9.95 -13.42
C ALA A 170 9.73 8.61 -13.06
N ALA A 171 10.49 8.56 -11.97
CA ALA A 171 11.23 7.33 -11.63
C ALA A 171 10.33 6.31 -10.93
N TYR A 172 9.47 5.67 -11.72
CA TYR A 172 8.49 4.74 -11.18
C TYR A 172 9.21 3.55 -10.54
N ASN A 173 8.86 3.26 -9.29
CA ASN A 173 9.47 2.13 -8.57
C ASN A 173 8.55 0.93 -8.35
N VAL A 174 7.26 1.11 -8.64
CA VAL A 174 6.30 0.01 -8.58
C VAL A 174 5.25 0.16 -9.67
N THR A 175 4.54 -0.93 -9.92
CA THR A 175 3.27 -0.86 -10.61
C THR A 175 2.26 -1.70 -9.87
N LEU A 176 1.03 -1.19 -9.77
CA LEU A 176 -0.08 -1.92 -9.20
C LEU A 176 -0.91 -2.41 -10.37
N LEU A 177 -0.98 -3.74 -10.53
CA LEU A 177 -1.74 -4.39 -11.59
C LEU A 177 -3.16 -4.61 -11.13
N ASN A 178 -4.12 -4.27 -11.97
CA ASN A 178 -5.54 -4.41 -11.65
C ASN A 178 -6.28 -5.25 -12.66
N PHE A 179 -7.28 -5.97 -12.18
CA PHE A 179 -8.19 -6.73 -13.04
C PHE A 179 -9.58 -6.73 -12.47
N MET A 180 -10.57 -6.56 -13.35
CA MET A 180 -11.96 -6.74 -12.97
C MET A 180 -12.75 -7.31 -14.13
N ASP A 181 -13.59 -8.29 -13.81
CA ASP A 181 -14.61 -8.78 -14.74
C ASP A 181 -15.94 -8.22 -14.23
N PRO A 182 -16.50 -7.21 -14.92
CA PRO A 182 -17.74 -6.57 -14.45
C PRO A 182 -18.95 -7.49 -14.44
N GLN A 183 -18.97 -8.50 -15.31
CA GLN A 183 -20.08 -9.46 -15.36
C GLN A 183 -20.12 -10.33 -14.11
N LYS A 184 -19.02 -10.36 -13.35
CA LYS A 184 -18.95 -11.07 -12.08
C LYS A 184 -19.56 -10.26 -10.94
N MET A 185 -19.77 -8.96 -11.15
CA MET A 185 -20.37 -8.12 -10.11
C MET A 185 -21.89 -8.09 -10.28
N PRO A 186 -22.65 -8.46 -9.23
CA PRO A 186 -24.12 -8.44 -9.33
C PRO A 186 -24.72 -7.04 -9.56
N TYR A 187 -24.15 -6.04 -8.90
CA TYR A 187 -24.62 -4.66 -9.03
C TYR A 187 -23.45 -3.71 -8.86
N LEU A 188 -23.30 -2.77 -9.79
CA LEU A 188 -22.23 -1.81 -9.75
C LEU A 188 -22.78 -0.49 -9.29
N LYS A 189 -21.95 0.26 -8.57
CA LYS A 189 -22.35 1.54 -8.03
C LYS A 189 -22.49 2.55 -9.17
N GLU A 190 -23.48 3.41 -9.09
CA GLU A 190 -23.60 4.53 -10.03
C GLU A 190 -22.62 5.66 -9.63
N GLU A 191 -21.99 6.27 -10.62
CA GLU A 191 -21.23 7.49 -10.39
C GLU A 191 -22.22 8.56 -9.92
N PRO A 192 -21.93 9.20 -8.78
CA PRO A 192 -22.99 9.95 -8.10
C PRO A 192 -23.18 11.42 -8.47
N TYR A 193 -22.21 12.05 -9.11
CA TYR A 193 -22.28 13.52 -9.31
C TYR A 193 -22.55 13.98 -10.74
N PHE A 194 -22.12 13.20 -11.74
CA PHE A 194 -22.13 13.64 -13.13
C PHE A 194 -22.92 12.74 -14.09
N GLY A 195 -23.55 11.70 -13.56
CA GLY A 195 -24.28 10.75 -14.39
C GLY A 195 -23.40 9.93 -15.31
N MET A 196 -22.21 9.54 -14.85
CA MET A 196 -21.25 8.82 -15.67
C MET A 196 -21.49 7.31 -15.74
N GLY A 197 -22.47 6.81 -15.00
CA GLY A 197 -22.83 5.41 -15.10
C GLY A 197 -22.06 4.56 -14.10
N LYS A 198 -21.86 3.29 -14.44
CA LYS A 198 -21.31 2.33 -13.51
C LYS A 198 -19.81 2.58 -13.25
N MET A 199 -19.44 2.60 -11.98
CA MET A 199 -18.05 2.78 -11.55
C MET A 199 -17.44 1.47 -11.11
N ALA A 200 -16.28 1.12 -11.63
CA ALA A 200 -15.52 -0.01 -11.10
C ALA A 200 -14.69 0.38 -9.87
N VAL A 201 -14.19 1.61 -9.88
CA VAL A 201 -13.46 2.19 -8.74
C VAL A 201 -13.97 3.61 -8.49
N SER A 202 -14.30 3.92 -7.25
CA SER A 202 -14.85 5.21 -6.87
C SER A 202 -13.86 6.37 -7.00
N TRP A 203 -14.36 7.60 -6.92
CA TRP A 203 -13.52 8.78 -7.00
C TRP A 203 -12.45 8.78 -5.91
N HIS A 204 -11.21 9.02 -6.28
CA HIS A 204 -10.10 9.07 -5.31
C HIS A 204 -8.88 9.76 -5.89
N HIS A 205 -7.87 9.95 -5.02
CA HIS A 205 -6.51 10.29 -5.41
C HIS A 205 -5.67 9.03 -5.24
N ASP A 206 -4.61 8.90 -6.01
CA ASP A 206 -3.64 7.85 -5.73
C ASP A 206 -2.78 8.34 -4.58
N GLU A 207 -2.86 7.61 -3.47
CA GLU A 207 -2.27 8.02 -2.23
C GLU A 207 -0.79 7.68 -2.14
N ASN A 208 -0.14 8.37 -1.22
CA ASN A 208 1.22 8.07 -0.77
C ASN A 208 2.22 7.96 -1.91
N LEU A 209 2.20 8.96 -2.79
CA LEU A 209 3.14 9.04 -3.87
C LEU A 209 4.09 10.16 -3.53
N VAL A 210 5.26 10.16 -4.16
CA VAL A 210 6.18 11.28 -4.03
C VAL A 210 5.50 12.56 -4.53
N ASP A 211 5.78 13.67 -3.87
CA ASP A 211 5.17 14.97 -4.18
C ASP A 211 5.31 15.30 -5.66
N ARG A 212 4.19 15.68 -6.26
CA ARG A 212 4.11 16.07 -7.67
C ARG A 212 4.59 15.00 -8.63
N SER A 213 4.61 13.75 -8.17
CA SER A 213 5.05 12.65 -9.03
C SER A 213 3.96 12.26 -10.03
N ALA A 214 4.41 11.85 -11.21
CA ALA A 214 3.52 11.47 -12.27
C ALA A 214 2.97 10.06 -12.01
N VAL A 215 1.86 9.75 -12.67
CA VAL A 215 1.32 8.40 -12.65
C VAL A 215 1.04 8.04 -14.08
N ALA A 216 1.37 6.82 -14.47
CA ALA A 216 1.22 6.35 -15.84
C ALA A 216 0.47 5.04 -15.86
N VAL A 217 -0.58 4.95 -16.68
CA VAL A 217 -1.45 3.77 -16.71
C VAL A 217 -1.57 3.17 -18.10
N TYR A 218 -1.21 1.89 -18.22
CA TYR A 218 -1.47 1.11 -19.42
C TYR A 218 -2.79 0.40 -19.21
N SER A 219 -3.74 0.67 -20.10
CA SER A 219 -5.09 0.13 -19.98
C SER A 219 -5.33 -0.89 -21.07
N TYR A 220 -5.86 -2.05 -20.67
CA TYR A 220 -6.05 -3.20 -21.54
C TYR A 220 -7.44 -3.78 -21.34
N SER A 221 -8.40 -3.33 -22.15
CA SER A 221 -9.73 -3.92 -22.16
C SER A 221 -9.71 -5.08 -23.13
N CYS A 222 -10.43 -6.16 -22.80
CA CYS A 222 -10.60 -7.26 -23.73
C CYS A 222 -11.79 -6.87 -24.60
N GLU A 223 -11.58 -6.74 -25.90
CA GLU A 223 -12.63 -6.27 -26.81
C GLU A 223 -13.43 -7.44 -27.37
N GLU A 236 -26.53 9.35 -25.80
CA GLU A 236 -26.58 10.33 -24.72
C GLU A 236 -25.60 9.97 -23.59
N GLY A 237 -24.49 10.71 -23.50
CA GLY A 237 -23.47 10.47 -22.49
C GLY A 237 -22.48 9.37 -22.87
N ARG A 238 -21.71 8.91 -21.90
CA ARG A 238 -20.62 7.97 -22.16
C ARG A 238 -21.15 6.59 -22.50
N ASP A 239 -20.48 5.91 -23.42
CA ASP A 239 -20.88 4.58 -23.88
C ASP A 239 -20.70 3.55 -22.74
N PRO A 240 -21.81 2.96 -22.25
CA PRO A 240 -21.75 2.03 -21.11
C PRO A 240 -20.87 0.80 -21.31
N ASP A 241 -20.65 0.38 -22.55
CA ASP A 241 -19.90 -0.86 -22.81
C ASP A 241 -18.40 -0.65 -22.86
N ILE A 242 -17.95 0.61 -22.87
CA ILE A 242 -16.52 0.92 -23.01
C ILE A 242 -15.99 1.44 -21.69
N TRP A 243 -14.78 1.02 -21.33
CA TRP A 243 -14.12 1.51 -20.11
C TRP A 243 -13.66 2.96 -20.28
N HIS A 244 -13.76 3.73 -19.21
CA HIS A 244 -13.32 5.11 -19.20
C HIS A 244 -12.57 5.39 -17.90
N VAL A 245 -11.74 6.43 -17.92
CA VAL A 245 -11.26 7.03 -16.70
C VAL A 245 -11.96 8.36 -16.60
N GLY A 246 -12.53 8.65 -15.43
CA GLY A 246 -13.19 9.93 -15.21
C GLY A 246 -12.34 10.86 -14.37
N PHE A 247 -12.47 12.16 -14.61
CA PHE A 247 -11.76 13.18 -13.85
C PHE A 247 -12.73 14.27 -13.38
N LYS A 248 -12.47 14.78 -12.18
CA LYS A 248 -13.13 15.95 -11.66
C LYS A 248 -12.12 16.75 -10.83
N ILE A 249 -12.45 18.00 -10.56
CA ILE A 249 -11.65 18.84 -9.66
C ILE A 249 -12.08 18.52 -8.23
N SER A 250 -11.11 18.43 -7.31
CA SER A 250 -11.42 18.17 -5.91
C SER A 250 -12.40 19.22 -5.42
N TRP A 251 -13.30 18.82 -4.52
CA TRP A 251 -14.29 19.73 -3.91
C TRP A 251 -15.38 20.21 -4.86
N ASP A 252 -15.31 19.82 -6.14
CA ASP A 252 -16.10 20.49 -7.16
C ASP A 252 -16.92 19.51 -8.00
N ILE A 253 -18.25 19.63 -7.88
CA ILE A 253 -19.18 18.89 -8.72
C ILE A 253 -20.03 19.81 -9.61
N GLU A 254 -19.58 21.05 -9.80
CA GLU A 254 -20.23 22.00 -10.69
C GLU A 254 -19.56 22.02 -12.05
N THR A 255 -18.24 22.13 -12.08
CA THR A 255 -17.51 22.01 -13.31
C THR A 255 -17.74 20.58 -13.79
N PRO A 256 -18.32 20.40 -14.99
CA PRO A 256 -18.54 19.07 -15.53
C PRO A 256 -17.28 18.21 -15.52
N GLY A 257 -17.44 16.93 -15.28
CA GLY A 257 -16.29 16.03 -15.25
C GLY A 257 -16.00 15.55 -16.65
N LEU A 258 -14.78 15.07 -16.87
CA LEU A 258 -14.43 14.42 -18.11
C LEU A 258 -14.48 12.90 -17.95
N ALA A 259 -14.93 12.23 -19.00
CA ALA A 259 -14.86 10.78 -19.07
C ALA A 259 -14.13 10.45 -20.34
N ILE A 260 -12.95 9.83 -20.21
CA ILE A 260 -12.08 9.55 -21.31
C ILE A 260 -12.16 8.07 -21.68
N PRO A 261 -12.64 7.75 -22.90
CA PRO A 261 -12.69 6.35 -23.33
C PRO A 261 -11.32 5.71 -23.35
N LEU A 262 -11.25 4.44 -22.93
CA LEU A 262 -10.01 3.70 -22.92
C LEU A 262 -10.18 2.44 -23.73
N HIS A 263 -9.55 2.39 -24.89
CA HIS A 263 -9.57 1.20 -25.72
C HIS A 263 -8.33 0.38 -25.42
N GLN A 264 -8.19 -0.74 -26.11
CA GLN A 264 -7.14 -1.71 -25.83
C GLN A 264 -5.74 -1.12 -26.03
N GLY A 265 -4.96 -1.10 -24.96
CA GLY A 265 -3.58 -0.62 -25.06
C GLY A 265 -3.41 0.88 -25.05
N ASP A 266 -4.46 1.62 -24.73
CA ASP A 266 -4.34 3.06 -24.53
C ASP A 266 -3.64 3.35 -23.21
N CYS A 267 -2.87 4.43 -23.17
CA CYS A 267 -2.15 4.87 -21.97
C CYS A 267 -2.52 6.28 -21.59
N TYR A 268 -2.69 6.53 -20.30
CA TYR A 268 -2.91 7.88 -19.82
C TYR A 268 -1.97 8.25 -18.67
N PHE A 269 -1.67 9.54 -18.57
CA PHE A 269 -0.64 10.04 -17.67
C PHE A 269 -1.20 11.19 -16.87
N MET A 270 -1.07 11.13 -15.55
CA MET A 270 -1.34 12.26 -14.69
C MET A 270 -0.01 12.91 -14.34
N LEU A 271 0.15 14.17 -14.72
CA LEU A 271 1.42 14.86 -14.57
C LEU A 271 1.37 15.86 -13.45
N ASP A 272 2.52 16.02 -12.79
CA ASP A 272 2.77 17.12 -11.87
C ASP A 272 1.74 17.07 -10.75
N ASP A 273 1.01 18.15 -10.50
CA ASP A 273 0.08 18.16 -9.38
C ASP A 273 -1.36 17.70 -9.74
N LEU A 274 -1.57 17.15 -10.93
CA LEU A 274 -2.91 16.69 -11.34
C LEU A 274 -3.54 15.70 -10.35
N ASN A 275 -2.81 14.64 -10.02
CA ASN A 275 -3.28 13.66 -9.04
C ASN A 275 -3.70 14.28 -7.69
N ALA A 276 -3.10 15.42 -7.36
CA ALA A 276 -3.45 16.11 -6.11
C ALA A 276 -4.65 17.03 -6.23
N THR A 277 -4.72 17.79 -7.31
CA THR A 277 -5.77 18.80 -7.45
C THR A 277 -7.06 18.23 -8.02
N HIS A 278 -6.97 17.01 -8.55
CA HIS A 278 -8.12 16.36 -9.15
C HIS A 278 -8.32 14.97 -8.57
N GLN A 279 -9.57 14.49 -8.64
CA GLN A 279 -9.90 13.11 -8.35
C GLN A 279 -10.13 12.39 -9.65
N HIS A 280 -9.96 11.08 -9.63
CA HIS A 280 -10.38 10.28 -10.73
C HIS A 280 -11.08 9.01 -10.28
N CYS A 281 -11.79 8.40 -11.22
CA CYS A 281 -12.48 7.14 -11.00
C CYS A 281 -12.30 6.32 -12.26
N VAL A 282 -12.68 5.04 -12.18
CA VAL A 282 -12.70 4.17 -13.35
C VAL A 282 -14.15 3.77 -13.60
N LEU A 283 -14.59 3.97 -14.83
CA LEU A 283 -15.94 3.68 -15.22
C LEU A 283 -15.96 2.35 -15.94
N ALA A 284 -16.80 1.44 -15.48
CA ALA A 284 -16.77 0.08 -16.03
C ALA A 284 -17.41 0.00 -17.41
N GLY A 285 -16.79 -0.79 -18.29
CA GLY A 285 -17.40 -1.23 -19.53
C GLY A 285 -18.00 -2.62 -19.34
N SER A 286 -18.43 -3.24 -20.42
CA SER A 286 -19.13 -4.53 -20.36
C SER A 286 -18.18 -5.71 -20.33
N GLN A 287 -16.95 -5.51 -20.81
CA GLN A 287 -15.97 -6.58 -20.89
C GLN A 287 -14.92 -6.44 -19.76
N PRO A 288 -14.13 -7.51 -19.53
CA PRO A 288 -13.07 -7.42 -18.52
C PRO A 288 -11.92 -6.54 -18.96
N ARG A 289 -11.20 -5.96 -18.00
CA ARG A 289 -10.07 -5.06 -18.28
C ARG A 289 -8.95 -5.24 -17.26
N PHE A 290 -7.71 -5.19 -17.76
CA PHE A 290 -6.51 -5.09 -16.93
C PHE A 290 -6.01 -3.65 -17.00
N SER A 291 -5.34 -3.20 -15.95
CA SER A 291 -4.50 -2.01 -16.02
C SER A 291 -3.20 -2.18 -15.24
N SER A 292 -2.15 -1.54 -15.72
CA SER A 292 -0.88 -1.43 -15.03
C SER A 292 -0.65 0.03 -14.67
N THR A 293 -0.59 0.33 -13.38
CA THR A 293 -0.54 1.70 -12.92
C THR A 293 0.80 1.97 -12.21
N HIS A 294 1.66 2.71 -12.89
CA HIS A 294 3.05 2.91 -12.50
C HIS A 294 3.14 4.18 -11.70
N ARG A 295 3.77 4.08 -10.54
CA ARG A 295 3.77 5.15 -9.57
C ARG A 295 5.18 5.30 -8.98
N VAL A 296 5.46 6.48 -8.45
CA VAL A 296 6.66 6.73 -7.68
C VAL A 296 6.22 6.71 -6.23
N ALA A 297 6.17 5.51 -5.65
CA ALA A 297 5.80 5.33 -4.26
C ALA A 297 6.76 6.07 -3.33
N GLU A 298 6.20 6.88 -2.43
CA GLU A 298 6.95 7.45 -1.34
C GLU A 298 7.31 6.30 -0.39
N CYS A 299 8.59 5.92 -0.35
CA CYS A 299 8.99 4.74 0.43
C CYS A 299 10.09 5.04 1.47
N SER A 300 10.09 6.26 2.01
CA SER A 300 11.10 6.63 3.01
C SER A 300 11.00 5.79 4.29
N THR A 301 9.81 5.28 4.62
CA THR A 301 9.66 4.37 5.75
C THR A 301 8.97 3.10 5.29
N GLY A 302 9.29 2.68 4.06
CA GLY A 302 8.51 1.65 3.39
C GLY A 302 9.32 0.63 2.61
N THR A 303 10.58 0.45 2.97
CA THR A 303 11.44 -0.56 2.32
C THR A 303 11.99 -1.59 3.35
N LEU A 304 12.38 -2.76 2.87
CA LEU A 304 12.96 -3.79 3.74
C LEU A 304 14.21 -3.27 4.43
N ASP A 305 15.09 -2.63 3.65
CA ASP A 305 16.31 -2.04 4.22
C ASP A 305 16.00 -1.00 5.29
N TYR A 306 14.96 -0.20 5.08
CA TYR A 306 14.62 0.82 6.05
C TYR A 306 14.25 0.17 7.38
N ILE A 307 13.36 -0.81 7.32
CA ILE A 307 12.82 -1.40 8.54
C ILE A 307 13.87 -2.27 9.27
N LEU A 308 14.73 -2.99 8.52
CA LEU A 308 15.81 -3.76 9.12
C LEU A 308 16.75 -2.83 9.88
N GLN A 309 17.03 -1.68 9.29
CA GLN A 309 17.87 -0.69 9.95
C GLN A 309 17.23 -0.14 11.24
N ARG A 310 15.91 0.06 11.23
CA ARG A 310 15.22 0.53 12.45
C ARG A 310 15.34 -0.53 13.55
N CYS A 311 15.17 -1.80 13.17
CA CYS A 311 15.31 -2.90 14.12
C CYS A 311 16.71 -2.92 14.72
N GLN A 312 17.72 -2.82 13.87
CA GLN A 312 19.11 -2.78 14.32
C GLN A 312 19.33 -1.60 15.27
N LEU A 313 18.67 -0.47 15.02
CA LEU A 313 18.75 0.69 15.93
C LEU A 313 18.18 0.36 17.31
N ALA A 314 17.05 -0.32 17.32
CA ALA A 314 16.41 -0.74 18.56
C ALA A 314 17.30 -1.70 19.35
N LEU A 315 17.92 -2.65 18.66
CA LEU A 315 18.70 -3.71 19.30
C LEU A 315 20.09 -3.25 19.74
N GLN A 316 20.46 -2.02 19.39
CA GLN A 316 21.67 -1.38 19.92
C GLN A 316 21.61 -1.14 21.42
N ASN A 317 20.41 -1.13 21.99
CA ASN A 317 20.23 -1.02 23.45
C ASN A 317 20.24 -2.37 24.16
N VAL A 318 20.54 -3.44 23.42
CA VAL A 318 20.51 -4.78 23.98
C VAL A 318 21.91 -5.40 23.93
N CYS A 319 22.32 -6.01 25.05
CA CYS A 319 23.62 -6.71 25.11
C CYS A 319 23.55 -7.91 24.16
N ASP A 320 24.40 -7.92 23.15
CA ASP A 320 24.25 -8.80 21.99
C ASP A 320 25.33 -9.87 21.88
N ASP A 321 25.92 -10.25 23.00
CA ASP A 321 26.88 -11.36 23.03
C ASP A 321 26.26 -12.64 22.47
N VAL A 322 25.07 -12.96 22.95
CA VAL A 322 24.42 -14.20 22.61
C VAL A 322 22.91 -14.01 22.47
N ASP A 323 22.30 -14.73 21.54
CA ASP A 323 20.85 -14.71 21.35
C ASP A 323 20.18 -15.76 22.24
N ASN A 324 19.65 -15.33 23.39
CA ASN A 324 18.82 -16.18 24.24
C ASN A 324 17.73 -15.36 24.94
N ASP A 325 16.88 -16.03 25.71
CA ASP A 325 15.78 -15.37 26.42
C ASP A 325 16.22 -14.44 27.55
N ASP A 326 17.52 -14.35 27.79
CA ASP A 326 18.06 -13.56 28.90
C ASP A 326 18.39 -12.12 28.49
N VAL A 327 17.40 -11.39 28.03
CA VAL A 327 17.60 -10.05 27.46
C VAL A 327 17.95 -9.03 28.53
N SER A 328 19.12 -8.41 28.39
CA SER A 328 19.50 -7.33 29.30
C SER A 328 19.85 -6.09 28.48
N LEU A 329 19.50 -4.94 29.03
CA LEU A 329 19.58 -3.67 28.31
C LEU A 329 20.77 -2.82 28.74
N LYS A 330 21.34 -2.09 27.79
CA LYS A 330 22.47 -1.21 28.09
C LYS A 330 22.05 0.06 28.80
N SER A 331 20.82 0.54 28.57
CA SER A 331 20.42 1.83 29.13
C SER A 331 18.93 1.88 29.41
N PHE A 332 18.57 2.67 30.42
CA PHE A 332 17.19 2.90 30.74
C PHE A 332 16.80 4.36 30.63
N GLU A 333 17.61 5.13 29.90
CA GLU A 333 17.30 6.52 29.63
C GLU A 333 15.97 6.61 28.86
N PRO A 334 15.03 7.46 29.33
CA PRO A 334 13.70 7.59 28.74
C PRO A 334 13.66 7.65 27.22
N ALA A 335 14.50 8.47 26.63
CA ALA A 335 14.49 8.67 25.18
C ALA A 335 14.86 7.39 24.41
N VAL A 336 15.79 6.62 24.96
CA VAL A 336 16.20 5.36 24.34
C VAL A 336 15.08 4.31 24.46
N LEU A 337 14.44 4.24 25.62
CA LEU A 337 13.33 3.31 25.83
C LEU A 337 12.10 3.60 24.96
N LYS A 338 11.73 4.88 24.85
CA LYS A 338 10.61 5.28 24.03
C LYS A 338 10.83 4.85 22.58
N GLN A 339 12.00 5.18 22.06
CA GLN A 339 12.40 4.82 20.71
C GLN A 339 12.32 3.32 20.48
N GLY A 340 12.85 2.56 21.43
CA GLY A 340 12.82 1.10 21.31
C GLY A 340 11.40 0.56 21.18
N GLU A 341 10.50 1.08 22.01
CA GLU A 341 9.12 0.61 22.05
C GLU A 341 8.35 1.10 20.83
N GLU A 342 8.74 2.26 20.29
CA GLU A 342 8.15 2.76 19.04
C GLU A 342 8.52 1.92 17.84
N ILE A 343 9.76 1.47 17.80
CA ILE A 343 10.25 0.63 16.71
C ILE A 343 9.56 -0.73 16.77
N HIS A 344 9.44 -1.24 17.98
CA HIS A 344 8.70 -2.47 18.31
C HIS A 344 7.30 -2.42 17.71
N ASN A 345 6.59 -1.32 17.90
CA ASN A 345 5.26 -1.14 17.31
C ASN A 345 5.32 -1.09 15.79
N GLU A 346 6.27 -0.33 15.26
CA GLU A 346 6.41 -0.17 13.81
C GLU A 346 6.58 -1.50 13.10
N VAL A 347 7.51 -2.33 13.58
CA VAL A 347 7.70 -3.62 12.91
C VAL A 347 6.49 -4.57 13.13
N GLU A 348 5.80 -4.48 14.27
CA GLU A 348 4.65 -5.35 14.52
C GLU A 348 3.48 -5.02 13.62
N PHE A 349 3.13 -3.74 13.53
CA PHE A 349 1.88 -3.35 12.91
C PHE A 349 2.04 -2.95 11.45
N GLU A 350 3.11 -2.21 11.13
CA GLU A 350 3.32 -1.79 9.77
C GLU A 350 3.84 -2.91 8.89
N TRP A 351 4.47 -3.91 9.48
CA TRP A 351 5.12 -4.96 8.69
C TRP A 351 4.53 -6.36 8.93
N LEU A 352 4.66 -6.90 10.15
CA LEU A 352 4.23 -8.27 10.41
C LEU A 352 2.72 -8.48 10.21
N ARG A 353 1.91 -7.71 10.92
CA ARG A 353 0.47 -7.88 10.83
C ARG A 353 -0.04 -7.56 9.43
N GLN A 354 0.49 -6.51 8.81
CA GLN A 354 0.13 -6.19 7.43
C GLN A 354 0.40 -7.38 6.52
N PHE A 355 1.61 -7.93 6.61
CA PHE A 355 2.01 -9.05 5.76
C PHE A 355 1.14 -10.29 5.91
N TRP A 356 0.94 -10.74 7.15
CA TRP A 356 0.22 -11.97 7.44
C TRP A 356 -1.29 -11.85 7.30
N PHE A 357 -1.82 -10.63 7.45
CA PHE A 357 -3.25 -10.40 7.22
C PHE A 357 -3.67 -10.82 5.82
N GLN A 358 -2.75 -10.69 4.87
CA GLN A 358 -2.98 -11.04 3.46
C GLN A 358 -2.74 -12.53 3.18
N GLY A 359 -3.29 -13.40 4.03
CA GLY A 359 -3.36 -14.85 3.78
C GLY A 359 -2.19 -15.59 3.17
N ASN A 360 -0.97 -15.08 3.34
CA ASN A 360 0.24 -15.72 2.81
C ASN A 360 0.18 -15.95 1.30
N ARG A 361 -0.24 -14.91 0.58
CA ARG A 361 -0.52 -15.01 -0.85
C ARG A 361 0.73 -14.89 -1.75
N TYR A 362 1.92 -14.91 -1.14
CA TYR A 362 3.15 -14.47 -1.80
C TYR A 362 3.96 -15.66 -2.30
N ARG A 363 4.40 -16.52 -1.38
CA ARG A 363 5.12 -17.77 -1.74
C ARG A 363 4.47 -18.50 -2.91
N LYS A 364 3.18 -18.27 -3.11
CA LYS A 364 2.48 -18.64 -4.35
C LYS A 364 3.19 -18.12 -5.61
N CYS A 365 3.34 -16.79 -5.75
CA CYS A 365 4.05 -16.22 -6.93
C CYS A 365 5.52 -15.86 -6.62
N THR A 366 5.84 -15.59 -5.35
CA THR A 366 7.23 -15.35 -4.93
C THR A 366 7.47 -15.61 -3.42
N ASP A 367 8.48 -16.43 -3.12
CA ASP A 367 8.90 -16.63 -1.72
C ASP A 367 9.76 -15.46 -1.19
N TRP A 368 9.92 -14.40 -1.99
CA TRP A 368 10.95 -13.36 -1.75
C TRP A 368 10.87 -12.75 -0.35
N TRP A 369 9.65 -12.50 0.12
CA TRP A 369 9.43 -11.88 1.42
C TRP A 369 9.42 -12.89 2.58
N CYS A 370 9.41 -14.19 2.28
CA CYS A 370 9.31 -15.22 3.33
C CYS A 370 10.46 -15.16 4.33
N GLN A 371 11.69 -15.15 3.85
CA GLN A 371 12.81 -15.11 4.78
C GLN A 371 12.88 -13.73 5.47
N PRO A 372 12.77 -12.62 4.72
CA PRO A 372 12.69 -11.31 5.39
C PRO A 372 11.68 -11.25 6.53
N MET A 373 10.50 -11.81 6.31
CA MET A 373 9.46 -11.81 7.31
C MET A 373 9.76 -12.70 8.51
N ALA A 374 10.45 -13.82 8.28
CA ALA A 374 10.91 -14.66 9.38
C ALA A 374 11.90 -13.86 10.23
N GLN A 375 12.79 -13.15 9.55
CA GLN A 375 13.81 -12.35 10.20
C GLN A 375 13.20 -11.18 10.99
N LEU A 376 12.22 -10.50 10.41
CA LEU A 376 11.54 -9.42 11.12
C LEU A 376 10.79 -9.93 12.34
N GLU A 377 10.20 -11.12 12.25
CA GLU A 377 9.52 -11.71 13.40
C GLU A 377 10.48 -12.08 14.54
N ALA A 378 11.64 -12.64 14.19
CA ALA A 378 12.68 -12.90 15.20
C ALA A 378 13.19 -11.61 15.86
N LEU A 379 13.36 -10.55 15.07
CA LEU A 379 13.73 -9.26 15.63
C LEU A 379 12.63 -8.73 16.55
N TRP A 380 11.38 -8.86 16.12
CA TRP A 380 10.25 -8.46 16.94
C TRP A 380 10.16 -9.28 18.26
N LYS A 381 10.47 -10.58 18.19
CA LYS A 381 10.43 -11.43 19.39
C LYS A 381 11.49 -10.99 20.40
N LYS A 382 12.70 -10.72 19.93
CA LYS A 382 13.72 -10.07 20.78
C LYS A 382 13.18 -8.82 21.48
N MET A 383 12.42 -8.00 20.74
CA MET A 383 11.86 -6.76 21.28
C MET A 383 10.74 -7.00 22.30
N GLU A 384 10.01 -8.11 22.16
CA GLU A 384 9.10 -8.55 23.22
C GLU A 384 9.96 -8.82 24.48
N GLY A 385 11.11 -9.45 24.28
CA GLY A 385 12.12 -9.57 25.35
C GLY A 385 12.53 -8.23 25.95
N VAL A 386 12.73 -7.23 25.09
CA VAL A 386 13.13 -5.89 25.57
C VAL A 386 12.03 -5.27 26.44
N THR A 387 10.79 -5.35 25.98
CA THR A 387 9.69 -4.75 26.73
C THR A 387 9.62 -5.41 28.13
N ASN A 388 9.75 -6.73 28.15
CA ASN A 388 9.78 -7.46 29.41
C ASN A 388 10.93 -7.01 30.33
N ALA A 389 12.13 -6.84 29.77
CA ALA A 389 13.24 -6.33 30.55
C ALA A 389 12.94 -4.94 31.11
N VAL A 390 12.35 -4.06 30.31
CA VAL A 390 12.00 -2.74 30.84
C VAL A 390 11.00 -2.90 31.99
N LEU A 391 10.03 -3.78 31.81
CA LEU A 391 9.00 -3.98 32.83
C LEU A 391 9.61 -4.51 34.13
N HIS A 392 10.56 -5.43 34.01
CA HIS A 392 11.28 -5.97 35.17
CA HIS A 392 11.29 -5.98 35.16
C HIS A 392 11.95 -4.85 35.94
N GLU A 393 12.68 -4.00 35.23
CA GLU A 393 13.38 -2.87 35.84
C GLU A 393 12.44 -1.90 36.57
N VAL A 394 11.25 -1.68 36.01
CA VAL A 394 10.25 -0.81 36.65
C VAL A 394 9.87 -1.33 38.04
N LYS A 395 9.83 -2.65 38.17
CA LYS A 395 9.47 -3.35 39.41
C LYS A 395 10.64 -3.51 40.37
N ARG A 396 11.87 -3.24 39.92
CA ARG A 396 13.05 -3.46 40.75
C ARG A 396 13.03 -2.58 42.00
N GLU A 397 13.17 -3.22 43.17
CA GLU A 397 13.32 -2.50 44.42
C GLU A 397 14.71 -1.90 44.51
N GLY A 398 14.76 -0.61 44.84
CA GLY A 398 15.98 0.15 44.79
C GLY A 398 16.01 1.09 43.61
N LEU A 399 15.00 1.01 42.74
CA LEU A 399 14.84 1.99 41.66
C LEU A 399 14.12 3.19 42.26
N PRO A 400 14.77 4.36 42.31
CA PRO A 400 14.05 5.53 42.82
C PRO A 400 12.73 5.75 42.08
N VAL A 401 11.72 6.25 42.79
CA VAL A 401 10.39 6.37 42.21
C VAL A 401 10.37 7.40 41.07
N GLU A 402 11.17 8.46 41.21
CA GLU A 402 11.28 9.50 40.20
C GLU A 402 11.85 8.96 38.88
N GLN A 403 12.77 8.02 38.97
CA GLN A 403 13.35 7.40 37.79
C GLN A 403 12.38 6.40 37.19
N ARG A 404 11.68 5.67 38.07
CA ARG A 404 10.62 4.78 37.63
C ARG A 404 9.55 5.53 36.84
N ASN A 405 9.10 6.65 37.38
CA ASN A 405 8.02 7.43 36.75
C ASN A 405 8.45 8.11 35.44
N GLU A 406 9.73 8.41 35.31
CA GLU A 406 10.28 8.91 34.06
C GLU A 406 10.27 7.79 33.00
N ILE A 407 10.56 6.55 33.42
CA ILE A 407 10.49 5.41 32.53
C ILE A 407 9.05 5.12 32.08
N LEU A 408 8.11 5.17 33.03
CA LEU A 408 6.70 4.98 32.71
C LEU A 408 6.18 5.99 31.67
N THR A 409 6.46 7.26 31.91
CA THR A 409 6.07 8.32 31.00
C THR A 409 6.65 8.13 29.60
N ALA A 410 7.88 7.62 29.53
CA ALA A 410 8.54 7.39 28.24
C ALA A 410 7.90 6.30 27.40
N ILE A 411 7.41 5.24 28.06
CA ILE A 411 6.92 4.06 27.35
C ILE A 411 5.41 3.90 27.31
N LEU A 412 4.67 4.72 28.05
CA LEU A 412 3.25 4.47 28.24
C LEU A 412 2.41 4.63 26.96
N ALA A 413 2.70 5.65 26.16
CA ALA A 413 1.96 5.86 24.92
C ALA A 413 2.22 4.72 23.94
N SER A 414 3.45 4.23 23.88
CA SER A 414 3.77 3.10 22.99
C SER A 414 3.02 1.81 23.35
N LEU A 415 2.93 1.50 24.64
CA LEU A 415 2.23 0.32 25.10
C LEU A 415 0.71 0.45 24.95
N THR A 416 0.20 1.65 25.19
CA THR A 416 -1.21 1.98 24.98
C THR A 416 -1.60 1.80 23.51
N ALA A 417 -0.77 2.31 22.60
CA ALA A 417 -1.01 2.16 21.17
C ALA A 417 -0.89 0.69 20.78
N ARG A 418 0.03 -0.01 21.43
CA ARG A 418 0.23 -1.45 21.16
C ARG A 418 -1.02 -2.25 21.54
N GLN A 419 -1.63 -1.93 22.69
CA GLN A 419 -2.89 -2.56 23.13
C GLN A 419 -4.02 -2.25 22.14
N ASN A 420 -4.25 -0.96 21.90
CA ASN A 420 -5.31 -0.52 21.00
C ASN A 420 -5.20 -1.12 19.60
N LEU A 421 -4.00 -1.08 19.03
CA LEU A 421 -3.81 -1.59 17.68
C LEU A 421 -3.97 -3.08 17.61
N ARG A 422 -3.57 -3.80 18.67
CA ARG A 422 -3.81 -5.24 18.74
C ARG A 422 -5.32 -5.54 18.75
N ARG A 423 -6.08 -4.78 19.53
CA ARG A 423 -7.54 -4.90 19.53
C ARG A 423 -8.05 -4.69 18.11
N GLU A 424 -7.72 -3.54 17.54
CA GLU A 424 -8.18 -3.19 16.20
C GLU A 424 -7.84 -4.30 15.18
N TRP A 425 -6.61 -4.82 15.21
CA TRP A 425 -6.22 -5.87 14.26
C TRP A 425 -6.98 -7.17 14.48
N HIS A 426 -7.18 -7.53 15.75
CA HIS A 426 -7.93 -8.76 16.08
C HIS A 426 -9.39 -8.64 15.63
N ALA A 427 -9.98 -7.45 15.80
CA ALA A 427 -11.30 -7.14 15.27
C ALA A 427 -11.35 -7.32 13.76
N ARG A 428 -10.35 -6.76 13.08
CA ARG A 428 -10.24 -6.81 11.62
C ARG A 428 -10.17 -8.26 11.10
N CYS A 429 -9.54 -9.14 11.88
CA CYS A 429 -9.41 -10.56 11.50
C CYS A 429 -10.70 -11.37 11.62
N GLN A 430 -11.75 -10.78 12.18
CA GLN A 430 -13.08 -11.43 12.27
C GLN A 430 -14.15 -10.61 11.52
N SER A 431 -14.34 -9.35 11.94
CA SER A 431 -15.24 -8.36 11.30
C SER A 431 -16.61 -8.91 10.85
N ARG A 432 -16.88 -8.91 9.55
CA ARG A 432 -18.04 -9.61 8.96
C ARG A 432 -17.56 -10.33 7.71
N ILE A 433 -17.06 -9.55 6.76
CA ILE A 433 -16.56 -10.04 5.48
C ILE A 433 -15.44 -11.07 5.63
N ALA A 434 -14.65 -10.96 6.69
CA ALA A 434 -13.63 -11.95 6.99
C ALA A 434 -14.32 -13.23 7.43
N ARG A 435 -15.36 -13.08 8.26
CA ARG A 435 -16.24 -14.19 8.62
C ARG A 435 -16.93 -14.79 7.40
N THR A 436 -17.56 -13.94 6.60
CA THR A 436 -18.26 -14.37 5.38
C THR A 436 -17.33 -15.09 4.40
N LEU A 437 -16.18 -14.49 4.09
CA LEU A 437 -15.26 -15.03 3.07
C LEU A 437 -14.85 -16.46 3.39
N PRO A 438 -14.64 -17.31 2.35
CA PRO A 438 -14.35 -18.73 2.59
C PRO A 438 -13.10 -18.99 3.43
N ALA A 439 -13.04 -20.19 4.04
CA ALA A 439 -11.94 -20.58 4.93
C ALA A 439 -10.56 -20.49 4.28
N ASP A 440 -10.50 -20.82 3.00
CA ASP A 440 -9.31 -20.65 2.17
C ASP A 440 -8.91 -19.17 2.08
N GLN A 441 -9.91 -18.30 1.94
CA GLN A 441 -9.71 -16.87 1.70
C GLN A 441 -9.85 -16.04 2.97
N LYS A 442 -9.13 -16.43 4.02
CA LYS A 442 -9.24 -15.74 5.30
C LYS A 442 -7.92 -15.10 5.74
N PRO A 443 -8.02 -13.96 6.45
CA PRO A 443 -6.86 -13.31 7.02
C PRO A 443 -6.31 -14.04 8.22
N GLU A 444 -4.99 -14.06 8.34
CA GLU A 444 -4.26 -14.71 9.42
C GLU A 444 -3.86 -13.64 10.46
N CYS A 445 -4.21 -13.87 11.74
CA CYS A 445 -4.01 -12.88 12.82
C CYS A 445 -2.66 -13.06 13.54
N ARG A 446 -1.58 -13.07 12.78
CA ARG A 446 -0.24 -13.37 13.28
C ARG A 446 0.58 -12.08 13.41
N PRO A 447 1.41 -11.95 14.47
CA PRO A 447 1.69 -12.91 15.55
C PRO A 447 0.62 -12.93 16.64
N TYR A 448 0.27 -14.13 17.09
CA TYR A 448 -0.72 -14.33 18.14
C TYR A 448 -0.36 -15.56 18.96
N TRP A 449 -0.61 -15.50 20.26
CA TRP A 449 -0.25 -16.59 21.17
C TRP A 449 -1.15 -16.59 22.40
N GLU A 450 -1.26 -17.76 23.04
CA GLU A 450 -2.17 -17.94 24.17
C GLU A 450 -1.48 -17.62 25.48
N LYS A 451 -2.28 -17.29 26.49
CA LYS A 451 -1.78 -17.09 27.87
C LYS A 451 -0.84 -18.21 28.35
N ASP A 452 -1.14 -19.45 27.95
CA ASP A 452 -0.32 -20.61 28.32
C ASP A 452 1.01 -20.69 27.57
N ASP A 453 1.14 -19.98 26.45
CA ASP A 453 2.33 -20.09 25.63
C ASP A 453 3.55 -19.57 26.38
N ALA A 454 4.40 -20.51 26.80
CA ALA A 454 5.57 -20.21 27.62
C ALA A 454 6.77 -19.78 26.81
N SER A 455 6.67 -19.83 25.48
CA SER A 455 7.76 -19.38 24.60
C SER A 455 7.83 -17.86 24.54
N MET A 456 6.71 -17.18 24.84
CA MET A 456 6.61 -15.73 24.78
C MET A 456 6.62 -15.15 26.18
N PRO A 457 7.49 -14.17 26.44
CA PRO A 457 7.64 -13.61 27.79
C PRO A 457 6.49 -12.76 28.29
N LEU A 458 5.69 -12.18 27.39
CA LEU A 458 4.61 -11.30 27.79
C LEU A 458 3.29 -11.73 27.16
N PRO A 459 2.16 -11.40 27.81
CA PRO A 459 0.86 -11.72 27.24
C PRO A 459 0.53 -10.89 26.00
N PHE A 460 -0.27 -11.47 25.12
CA PHE A 460 -0.75 -10.77 23.95
C PHE A 460 -1.65 -9.59 24.37
N ASP A 461 -2.44 -9.82 25.41
CA ASP A 461 -3.33 -8.81 25.95
C ASP A 461 -2.55 -8.03 27.02
N LEU A 462 -2.45 -6.72 26.84
CA LEU A 462 -1.62 -5.89 27.69
C LEU A 462 -2.43 -5.04 28.66
N THR A 463 -3.74 -5.31 28.73
CA THR A 463 -4.67 -4.45 29.43
C THR A 463 -4.29 -4.25 30.89
N ASP A 464 -3.99 -5.34 31.59
CA ASP A 464 -3.60 -5.29 33.01
C ASP A 464 -2.30 -4.54 33.19
N ILE A 465 -1.31 -4.91 32.37
CA ILE A 465 0.00 -4.26 32.43
C ILE A 465 -0.17 -2.75 32.25
N VAL A 466 -0.91 -2.35 31.21
CA VAL A 466 -1.17 -0.93 30.95
C VAL A 466 -1.88 -0.27 32.13
N SER A 467 -2.93 -0.90 32.65
CA SER A 467 -3.65 -0.38 33.84
C SER A 467 -2.71 -0.18 35.02
N GLU A 468 -1.94 -1.23 35.32
CA GLU A 468 -0.99 -1.19 36.44
C GLU A 468 0.00 -0.03 36.30
N LEU A 469 0.64 0.08 35.13
CA LEU A 469 1.63 1.14 34.91
C LEU A 469 1.02 2.52 35.09
N ARG A 470 -0.18 2.69 34.55
CA ARG A 470 -0.97 3.90 34.67
C ARG A 470 -1.29 4.21 36.14
N GLY A 471 -1.65 3.17 36.89
CA GLY A 471 -1.96 3.33 38.31
C GLY A 471 -0.77 3.81 39.10
N GLN A 472 0.39 3.18 38.86
CA GLN A 472 1.64 3.56 39.49
C GLN A 472 1.98 5.04 39.29
N LEU A 473 1.63 5.57 38.12
CA LEU A 473 1.97 6.93 37.73
C LEU A 473 1.06 7.95 38.43
N LEU A 474 -0.05 7.48 38.99
CA LEU A 474 -0.95 8.32 39.79
C LEU A 474 -0.74 8.13 41.30
N GLU A 475 0.07 7.15 41.69
CA GLU A 475 0.37 6.89 43.10
C GLU A 475 0.87 8.13 43.82
N ALA A 476 0.75 8.15 45.14
CA ALA A 476 1.20 9.26 45.98
C ALA A 476 1.90 8.73 47.21
C1 AKG B . -6.70 2.12 -9.23
O1 AKG B . -5.85 2.64 -8.48
O2 AKG B . -7.23 1.01 -9.03
C2 AKG B . -7.04 2.84 -10.44
O5 AKG B . -7.92 3.68 -10.48
C3 AKG B . -6.24 2.51 -11.64
C4 AKG B . -6.53 3.52 -12.74
C5 AKG B . -6.93 2.78 -13.98
O3 AKG B . -7.20 3.43 -15.00
O4 AKG B . -6.96 1.54 -13.92
C1 FLU C . -12.90 5.83 -1.76
O1 FLU C . -13.18 7.03 -1.28
C2 FLU C . -11.70 5.63 -2.41
C3 FLU C . -11.39 4.39 -2.93
O2 FLU C . -10.19 4.25 -3.58
C4 FLU C . -9.84 3.04 -4.10
C5 FLU C . -8.61 2.98 -4.72
C6 FLU C . -8.18 1.78 -5.28
O3 FLU C . -6.99 1.74 -5.89
C7 FLU C . -9.00 0.66 -5.20
C8 FLU C . -10.25 0.72 -4.57
C9 FLU C . -10.69 1.92 -3.99
C10 FLU C . -11.93 2.04 -3.33
C11 FLU C . -12.27 3.30 -2.80
C12 FLU C . -13.48 3.53 -2.13
C13 FLU C . -13.78 4.78 -1.62
C14 FLU C . -12.71 0.93 -2.97
C15 FLU C . -12.24 0.04 -1.99
C16 FLU C . -12.99 -1.06 -1.58
C17 FLU C . -14.25 -1.30 -2.13
C18 FLU C . -14.75 -0.43 -3.09
C19 FLU C . -13.98 0.68 -3.51
C20 FLU C . -14.57 1.56 -4.54
O4 FLU C . -13.87 1.98 -5.47
O5 FLU C . -15.77 1.86 -4.48
MN MN D . -6.09 5.18 -9.59
#